data_6KWF
#
_entry.id   6KWF
#
_cell.length_a   66.679
_cell.length_b   67.931
_cell.length_c   78.810
_cell.angle_alpha   90.000
_cell.angle_beta   90.000
_cell.angle_gamma   90.000
#
_symmetry.space_group_name_H-M   'I 2 2 2'
#
loop_
_entity.id
_entity.type
_entity.pdbx_description
1 polymer 'Endo-1,4-beta-xylanase 2'
2 branched beta-D-xylopyranose-(1-4)-beta-D-xylopyranose-(1-4)-beta-D-xylopyranose
3 non-polymer beta-D-xylopyranose
4 non-polymer GLYCEROL
5 non-polymer 'IODIDE ION'
6 water water
#
_entity_poly.entity_id   1
_entity_poly.type   'polypeptide(L)'
_entity_poly.pdbx_seq_one_letter_code
;STIQPGTGYNNGYFYSYWNDGHGGVTYTNGPGGQFSVNWSNSGDFVGGKGWQPGTKNKVINFSGSYNPNGNSYLSVYGWS
RNPLIEYYIVENFGTYNPSTGATKLGEVTSDGSVYDIYRTQRVNQPSIIGTATFYQYWSVRRNHRSSGSVNTANHFNAWA
QQGLTLGTMDYQIVAVEGYFSSGSASITVS
;
_entity_poly.pdbx_strand_id   A
#
loop_
_chem_comp.id
_chem_comp.type
_chem_comp.name
_chem_comp.formula
GOL non-polymer GLYCEROL 'C3 H8 O3'
IOD non-polymer 'IODIDE ION' 'I -1'
XYP D-saccharide, beta linking beta-D-xylopyranose 'C5 H10 O5'
#
# COMPACT_ATOMS: atom_id res chain seq x y z
N SER A 1 8.51 18.05 1.73
CA SER A 1 8.09 18.87 0.57
C SER A 1 7.57 17.99 -0.55
N THR A 2 7.13 18.64 -1.63
CA THR A 2 6.62 17.94 -2.80
C THR A 2 7.79 17.43 -3.63
N ILE A 3 7.67 16.20 -4.14
CA ILE A 3 8.77 15.54 -4.83
C ILE A 3 8.29 14.76 -6.05
N GLN A 4 9.21 14.54 -6.97
N GLN A 4 9.22 14.56 -6.97
CA GLN A 4 8.98 13.64 -8.09
CA GLN A 4 9.05 13.64 -8.10
C GLN A 4 9.25 12.20 -7.65
C GLN A 4 9.22 12.20 -7.63
N PRO A 5 8.87 11.23 -8.48
CA PRO A 5 9.02 9.83 -8.07
C PRO A 5 10.44 9.51 -7.63
N GLY A 6 10.52 8.72 -6.56
CA GLY A 6 11.80 8.36 -5.96
C GLY A 6 11.57 7.70 -4.63
N THR A 7 12.69 7.41 -3.97
CA THR A 7 12.69 6.84 -2.64
C THR A 7 13.69 7.60 -1.79
N GLY A 8 13.56 7.43 -0.48
CA GLY A 8 14.50 8.04 0.43
C GLY A 8 13.96 7.91 1.84
N TYR A 9 14.58 8.64 2.74
CA TYR A 9 14.10 8.74 4.10
C TYR A 9 13.82 10.21 4.41
N ASN A 10 12.72 10.46 5.09
CA ASN A 10 12.27 11.81 5.43
C ASN A 10 11.76 11.77 6.86
N ASN A 11 12.42 12.54 7.72
CA ASN A 11 12.04 12.63 9.14
C ASN A 11 11.97 11.26 9.79
N GLY A 12 12.88 10.38 9.39
CA GLY A 12 12.95 9.07 9.99
C GLY A 12 12.05 8.02 9.40
N TYR A 13 11.32 8.35 8.33
CA TYR A 13 10.44 7.42 7.65
C TYR A 13 10.90 7.23 6.22
N PHE A 14 11.03 5.99 5.82
CA PHE A 14 11.24 5.72 4.41
C PHE A 14 10.02 6.19 3.63
N TYR A 15 10.25 6.65 2.42
CA TYR A 15 9.15 6.90 1.51
C TYR A 15 9.46 6.31 0.15
N SER A 16 8.41 5.89 -0.55
CA SER A 16 8.48 5.54 -1.95
C SER A 16 7.32 6.22 -2.66
N TYR A 17 7.61 6.84 -3.80
CA TYR A 17 6.57 7.41 -4.64
C TYR A 17 6.90 6.99 -6.06
N TRP A 18 5.96 6.31 -6.70
CA TRP A 18 6.10 5.82 -8.04
C TRP A 18 4.88 6.26 -8.85
N ASN A 19 5.09 6.62 -10.10
CA ASN A 19 3.98 6.77 -11.02
C ASN A 19 4.38 6.28 -12.40
N ASP A 20 3.37 6.15 -13.27
CA ASP A 20 3.54 5.64 -14.62
C ASP A 20 3.93 6.71 -15.63
N GLY A 21 4.28 7.90 -15.18
CA GLY A 21 4.66 8.97 -16.07
C GLY A 21 3.51 9.84 -16.49
N HIS A 22 2.29 9.41 -16.24
N HIS A 22 2.28 9.41 -16.21
CA HIS A 22 1.19 10.29 -16.52
CA HIS A 22 1.08 10.22 -16.42
C HIS A 22 1.18 11.40 -15.47
C HIS A 22 1.08 11.37 -15.42
N GLY A 23 0.69 12.54 -15.88
CA GLY A 23 0.55 13.67 -14.99
C GLY A 23 -0.63 13.53 -14.05
N GLY A 24 -0.86 14.57 -13.27
CA GLY A 24 -2.03 14.68 -12.46
C GLY A 24 -1.86 14.30 -11.01
N VAL A 25 -0.65 14.06 -10.54
CA VAL A 25 -0.42 13.64 -9.16
C VAL A 25 0.59 14.55 -8.50
N THR A 26 0.31 14.92 -7.27
CA THR A 26 1.24 15.67 -6.43
C THR A 26 1.44 14.89 -5.13
N TYR A 27 2.67 14.48 -4.87
CA TYR A 27 3.03 13.74 -3.66
C TYR A 27 3.90 14.64 -2.79
N THR A 28 3.54 14.75 -1.51
N THR A 28 3.54 14.76 -1.52
CA THR A 28 4.24 15.64 -0.58
CA THR A 28 4.32 15.61 -0.62
C THR A 28 4.60 14.89 0.69
C THR A 28 4.63 14.85 0.66
N ASN A 29 5.87 14.95 1.09
CA ASN A 29 6.27 14.49 2.41
C ASN A 29 6.12 15.63 3.40
N GLY A 30 5.57 15.32 4.56
CA GLY A 30 5.39 16.27 5.62
C GLY A 30 6.19 15.90 6.86
N PRO A 31 5.92 16.58 7.98
CA PRO A 31 6.65 16.33 9.20
C PRO A 31 6.42 14.92 9.71
N GLY A 32 7.44 14.39 10.38
CA GLY A 32 7.32 13.08 10.99
C GLY A 32 6.92 12.03 9.99
N GLY A 33 5.91 11.25 10.37
CA GLY A 33 5.39 10.18 9.52
C GLY A 33 4.32 10.59 8.53
N GLN A 34 4.18 11.88 8.23
CA GLN A 34 3.06 12.37 7.44
C GLN A 34 3.44 12.51 5.98
N PHE A 35 2.48 12.19 5.11
CA PHE A 35 2.57 12.45 3.70
C PHE A 35 1.16 12.77 3.19
N SER A 36 1.13 13.46 2.06
CA SER A 36 -0.13 13.75 1.42
C SER A 36 -0.02 13.46 -0.07
N VAL A 37 -1.15 13.12 -0.66
N VAL A 37 -1.15 13.16 -0.69
CA VAL A 37 -1.27 12.95 -2.09
CA VAL A 37 -1.21 12.95 -2.14
C VAL A 37 -2.50 13.73 -2.55
C VAL A 37 -2.49 13.59 -2.65
N ASN A 38 -2.35 14.49 -3.63
CA ASN A 38 -3.47 15.15 -4.27
C ASN A 38 -3.39 14.84 -5.73
N TRP A 39 -4.49 14.38 -6.32
CA TRP A 39 -4.44 13.93 -7.69
C TRP A 39 -5.72 14.31 -8.42
N SER A 40 -5.58 14.52 -9.73
N SER A 40 -5.58 14.56 -9.72
CA SER A 40 -6.68 14.97 -10.58
CA SER A 40 -6.69 14.96 -10.57
C SER A 40 -6.44 14.38 -11.96
C SER A 40 -6.46 14.39 -11.95
N ASN A 41 -7.33 13.49 -12.39
CA ASN A 41 -7.20 12.81 -13.67
C ASN A 41 -5.77 12.26 -13.83
N SER A 42 -5.38 11.45 -12.84
CA SER A 42 -4.06 10.83 -12.80
C SER A 42 -3.97 9.68 -13.80
N GLY A 43 -2.80 9.08 -13.86
CA GLY A 43 -2.64 7.74 -14.31
C GLY A 43 -2.55 6.79 -13.13
N ASP A 44 -1.63 5.84 -13.22
CA ASP A 44 -1.36 4.87 -12.17
C ASP A 44 -0.23 5.42 -11.28
N PHE A 45 -0.44 5.41 -9.97
CA PHE A 45 0.61 5.80 -9.03
C PHE A 45 0.42 5.09 -7.71
N VAL A 46 1.50 5.00 -6.92
CA VAL A 46 1.41 4.52 -5.55
C VAL A 46 2.56 5.14 -4.77
N GLY A 47 2.26 5.66 -3.58
CA GLY A 47 3.29 6.25 -2.75
C GLY A 47 2.88 6.37 -1.30
N GLY A 48 3.89 6.47 -0.45
CA GLY A 48 3.64 6.69 0.97
C GLY A 48 4.89 6.47 1.79
N LYS A 49 4.68 6.39 3.10
CA LYS A 49 5.75 6.38 4.09
C LYS A 49 5.71 5.14 4.95
N GLY A 50 6.89 4.76 5.46
CA GLY A 50 6.99 3.65 6.38
C GLY A 50 8.44 3.33 6.65
N TRP A 51 8.86 2.13 6.27
CA TRP A 51 10.10 1.52 6.71
C TRP A 51 10.84 0.89 5.55
N GLN A 52 12.17 0.92 5.62
CA GLN A 52 13.02 0.20 4.69
C GLN A 52 14.26 -0.21 5.47
N PRO A 53 14.41 -1.49 5.84
CA PRO A 53 13.50 -2.60 5.54
C PRO A 53 12.33 -2.65 6.50
N GLY A 54 11.23 -3.24 6.04
CA GLY A 54 10.15 -3.60 6.93
C GLY A 54 10.47 -4.87 7.70
N THR A 55 9.51 -5.34 8.47
CA THR A 55 9.67 -6.57 9.22
C THR A 55 8.43 -7.43 9.09
N LYS A 56 8.56 -8.68 9.52
CA LYS A 56 7.49 -9.66 9.39
C LYS A 56 6.53 -9.66 10.58
N ASN A 57 6.71 -8.75 11.54
CA ASN A 57 5.82 -8.69 12.68
C ASN A 57 5.49 -7.26 13.07
N LYS A 58 5.68 -6.31 12.17
CA LYS A 58 5.43 -4.93 12.53
C LYS A 58 3.94 -4.69 12.77
N VAL A 59 3.63 -3.90 13.78
CA VAL A 59 2.31 -3.34 13.98
C VAL A 59 2.35 -1.91 13.46
N ILE A 60 1.62 -1.65 12.41
CA ILE A 60 1.70 -0.38 11.69
C ILE A 60 0.46 0.44 12.00
N ASN A 61 0.67 1.68 12.44
CA ASN A 61 -0.41 2.59 12.79
C ASN A 61 -0.54 3.66 11.71
N PHE A 62 -1.78 4.07 11.41
CA PHE A 62 -2.02 5.14 10.45
C PHE A 62 -3.27 5.91 10.83
N SER A 63 -3.27 7.18 10.45
CA SER A 63 -4.46 8.00 10.66
C SER A 63 -4.44 9.13 9.65
N GLY A 64 -5.59 9.76 9.50
CA GLY A 64 -5.68 10.93 8.65
C GLY A 64 -6.90 10.88 7.74
N SER A 65 -6.80 11.53 6.60
CA SER A 65 -7.91 11.67 5.68
C SER A 65 -7.63 10.90 4.40
N TYR A 66 -8.68 10.29 3.85
CA TYR A 66 -8.56 9.54 2.60
C TYR A 66 -9.86 9.74 1.83
N ASN A 67 -9.79 10.46 0.72
CA ASN A 67 -10.99 10.90 -0.01
C ASN A 67 -10.75 10.72 -1.50
N PRO A 68 -10.81 9.48 -1.98
CA PRO A 68 -10.67 9.25 -3.42
C PRO A 68 -11.97 9.52 -4.15
N ASN A 69 -11.84 9.95 -5.39
CA ASN A 69 -12.93 10.11 -6.35
C ASN A 69 -12.61 9.22 -7.54
N GLY A 70 -12.92 7.93 -7.41
CA GLY A 70 -12.58 6.96 -8.42
C GLY A 70 -11.73 5.81 -7.89
N ASN A 71 -10.89 5.27 -8.76
N ASN A 71 -10.94 5.22 -8.80
CA ASN A 71 -10.16 4.06 -8.45
CA ASN A 71 -10.10 4.07 -8.47
C ASN A 71 -8.90 4.37 -7.64
C ASN A 71 -8.96 4.51 -7.55
N SER A 72 -8.85 3.86 -6.41
CA SER A 72 -7.79 4.19 -5.48
C SER A 72 -7.87 3.20 -4.34
N TYR A 73 -6.75 3.01 -3.64
CA TYR A 73 -6.82 2.27 -2.40
C TYR A 73 -5.77 2.76 -1.44
N LEU A 74 -6.03 2.51 -0.16
CA LEU A 74 -5.18 2.84 0.96
C LEU A 74 -4.75 1.51 1.58
N SER A 75 -3.45 1.30 1.72
N SER A 75 -3.44 1.28 1.72
N SER A 75 -3.45 1.27 1.69
CA SER A 75 -2.97 -0.02 2.11
CA SER A 75 -3.02 -0.09 2.02
CA SER A 75 -2.99 -0.05 2.07
C SER A 75 -1.66 0.06 2.86
C SER A 75 -1.61 -0.10 2.62
C SER A 75 -1.65 0.02 2.78
N VAL A 76 -1.38 -1.02 3.56
CA VAL A 76 0.00 -1.37 3.90
C VAL A 76 0.53 -2.10 2.68
N TYR A 77 1.66 -1.65 2.17
CA TYR A 77 2.19 -2.05 0.89
C TYR A 77 3.66 -2.35 1.05
N GLY A 78 4.12 -3.48 0.52
CA GLY A 78 5.53 -3.74 0.60
C GLY A 78 5.96 -4.86 -0.32
N TRP A 79 7.25 -5.19 -0.21
CA TRP A 79 7.89 -6.20 -1.03
C TRP A 79 8.77 -7.09 -0.17
N SER A 80 8.99 -8.30 -0.67
CA SER A 80 10.15 -9.09 -0.27
C SER A 80 10.94 -9.44 -1.51
N ARG A 81 12.17 -9.88 -1.27
CA ARG A 81 13.10 -10.34 -2.30
C ARG A 81 13.52 -11.77 -1.99
N ASN A 82 13.81 -12.51 -3.05
CA ASN A 82 14.38 -13.86 -2.94
C ASN A 82 13.52 -14.75 -2.05
N PRO A 83 12.25 -14.98 -2.40
CA PRO A 83 11.63 -14.60 -3.68
C PRO A 83 11.01 -13.20 -3.71
N LEU A 84 10.85 -12.68 -4.90
CA LEU A 84 10.21 -11.40 -5.11
C LEU A 84 8.71 -11.52 -4.92
N ILE A 85 8.15 -10.75 -3.99
CA ILE A 85 6.73 -10.76 -3.67
C ILE A 85 6.33 -9.32 -3.50
N GLU A 86 5.20 -8.95 -4.06
CA GLU A 86 4.53 -7.69 -3.80
C GLU A 86 3.30 -7.97 -2.95
N TYR A 87 3.03 -7.17 -1.91
CA TYR A 87 1.87 -7.46 -1.08
C TYR A 87 1.17 -6.17 -0.67
N TYR A 88 -0.15 -6.31 -0.49
CA TYR A 88 -1.03 -5.21 -0.08
C TYR A 88 -1.99 -5.69 0.99
N ILE A 89 -2.08 -4.95 2.08
CA ILE A 89 -3.11 -5.13 3.09
C ILE A 89 -3.99 -3.90 2.96
N VAL A 90 -5.11 -4.06 2.26
CA VAL A 90 -5.93 -2.94 1.80
C VAL A 90 -6.94 -2.62 2.88
N GLU A 91 -6.89 -1.38 3.37
CA GLU A 91 -7.73 -0.92 4.47
C GLU A 91 -8.95 -0.16 3.97
N ASN A 92 -8.87 0.41 2.78
CA ASN A 92 -9.96 1.18 2.21
C ASN A 92 -9.72 1.25 0.71
N PHE A 93 -10.79 1.41 -0.06
CA PHE A 93 -10.65 1.60 -1.50
C PHE A 93 -11.82 2.40 -2.03
N GLY A 94 -11.67 2.89 -3.26
CA GLY A 94 -12.66 3.69 -3.95
C GLY A 94 -13.62 2.89 -4.79
N THR A 95 -13.68 3.18 -6.09
CA THR A 95 -14.73 2.63 -6.93
C THR A 95 -14.45 1.23 -7.48
N TYR A 96 -13.28 0.65 -7.21
CA TYR A 96 -12.93 -0.65 -7.76
C TYR A 96 -12.23 -1.48 -6.71
N ASN A 97 -12.65 -2.72 -6.55
CA ASN A 97 -12.03 -3.61 -5.60
C ASN A 97 -10.72 -4.10 -6.23
N PRO A 98 -9.56 -3.75 -5.66
CA PRO A 98 -8.29 -4.04 -6.34
C PRO A 98 -7.91 -5.51 -6.33
N SER A 99 -8.61 -6.36 -5.59
CA SER A 99 -8.39 -7.78 -5.66
C SER A 99 -9.12 -8.44 -6.82
N THR A 100 -9.90 -7.68 -7.60
CA THR A 100 -10.58 -8.23 -8.76
C THR A 100 -9.57 -8.93 -9.66
N GLY A 101 -9.92 -10.13 -10.08
CA GLY A 101 -9.07 -10.92 -10.93
C GLY A 101 -8.07 -11.78 -10.19
N ALA A 102 -7.83 -11.54 -8.92
CA ALA A 102 -6.93 -12.36 -8.13
C ALA A 102 -7.72 -13.55 -7.57
N THR A 103 -6.99 -14.58 -7.17
CA THR A 103 -7.57 -15.82 -6.69
C THR A 103 -7.72 -15.77 -5.18
N LYS A 104 -8.94 -15.97 -4.70
CA LYS A 104 -9.18 -15.97 -3.27
C LYS A 104 -8.56 -17.21 -2.62
N LEU A 105 -7.86 -16.98 -1.51
CA LEU A 105 -7.14 -18.02 -0.79
C LEU A 105 -7.76 -18.31 0.56
N GLY A 106 -8.77 -17.56 0.96
CA GLY A 106 -9.38 -17.71 2.27
C GLY A 106 -9.66 -16.36 2.90
N GLU A 107 -9.71 -16.36 4.23
CA GLU A 107 -10.06 -15.20 5.04
C GLU A 107 -9.20 -15.19 6.29
N VAL A 108 -8.95 -14.00 6.82
CA VAL A 108 -8.29 -13.83 8.10
C VAL A 108 -8.96 -12.69 8.84
N THR A 109 -9.02 -12.81 10.16
CA THR A 109 -9.56 -11.76 11.01
C THR A 109 -8.41 -11.05 11.70
N SER A 110 -8.39 -9.73 11.61
CA SER A 110 -7.32 -8.98 12.22
C SER A 110 -7.80 -7.57 12.49
N ASP A 111 -7.45 -7.05 13.67
CA ASP A 111 -7.63 -5.63 13.96
C ASP A 111 -9.06 -5.17 13.69
N GLY A 112 -10.03 -5.98 14.09
CA GLY A 112 -11.42 -5.57 14.06
C GLY A 112 -12.20 -5.87 12.81
N SER A 113 -11.63 -6.59 11.83
CA SER A 113 -12.37 -6.92 10.63
C SER A 113 -11.91 -8.26 10.08
N VAL A 114 -12.84 -8.93 9.41
CA VAL A 114 -12.48 -9.98 8.47
C VAL A 114 -11.87 -9.34 7.24
N TYR A 115 -10.87 -10.02 6.69
CA TYR A 115 -10.23 -9.70 5.42
C TYR A 115 -10.35 -10.92 4.53
N ASP A 116 -10.54 -10.68 3.24
CA ASP A 116 -10.40 -11.73 2.22
C ASP A 116 -8.99 -11.68 1.67
N ILE A 117 -8.33 -12.84 1.55
CA ILE A 117 -6.96 -12.92 1.07
C ILE A 117 -6.93 -13.52 -0.32
N TYR A 118 -5.97 -13.05 -1.11
CA TYR A 118 -5.89 -13.42 -2.52
C TYR A 118 -4.45 -13.43 -2.96
N ARG A 119 -4.22 -14.05 -4.12
CA ARG A 119 -2.95 -13.82 -4.82
C ARG A 119 -3.17 -13.91 -6.32
N THR A 120 -2.22 -13.32 -7.04
CA THR A 120 -2.21 -13.42 -8.48
C THR A 120 -0.76 -13.29 -8.95
N GLN A 121 -0.46 -13.82 -10.12
CA GLN A 121 0.89 -13.69 -10.67
C GLN A 121 0.95 -12.48 -11.59
N ARG A 122 1.96 -11.63 -11.39
CA ARG A 122 2.21 -10.48 -12.24
C ARG A 122 3.37 -10.87 -13.16
N VAL A 123 3.19 -10.63 -14.47
CA VAL A 123 4.13 -11.14 -15.47
C VAL A 123 4.71 -9.96 -16.24
N ASN A 124 6.04 -9.82 -16.19
CA ASN A 124 6.75 -8.75 -16.89
C ASN A 124 6.18 -7.38 -16.54
N GLN A 125 6.09 -7.10 -15.25
CA GLN A 125 5.54 -5.88 -14.72
C GLN A 125 6.59 -5.09 -13.95
N PRO A 126 6.38 -3.80 -13.75
CA PRO A 126 7.34 -3.01 -12.97
C PRO A 126 7.47 -3.56 -11.56
N SER A 127 8.67 -3.43 -11.00
CA SER A 127 8.91 -3.90 -9.65
C SER A 127 10.13 -3.19 -9.10
N ILE A 128 10.41 -3.45 -7.82
CA ILE A 128 11.61 -2.93 -7.19
C ILE A 128 12.90 -3.46 -7.81
N ILE A 129 12.86 -4.47 -8.67
CA ILE A 129 14.07 -4.96 -9.33
C ILE A 129 14.02 -4.73 -10.83
N GLY A 130 13.14 -3.88 -11.29
CA GLY A 130 12.90 -3.71 -12.71
C GLY A 130 11.81 -4.63 -13.20
N THR A 131 11.64 -4.66 -14.53
CA THR A 131 10.63 -5.55 -15.12
C THR A 131 10.83 -6.96 -14.60
N ALA A 132 9.75 -7.57 -14.09
CA ALA A 132 9.89 -8.84 -13.40
C ALA A 132 8.56 -9.57 -13.36
N THR A 133 8.65 -10.82 -12.94
CA THR A 133 7.50 -11.68 -12.77
C THR A 133 7.50 -12.15 -11.32
N PHE A 134 6.36 -12.04 -10.67
CA PHE A 134 6.29 -12.25 -9.23
C PHE A 134 4.84 -12.45 -8.82
N TYR A 135 4.66 -13.14 -7.70
CA TYR A 135 3.34 -13.19 -7.09
C TYR A 135 3.05 -11.94 -6.28
N GLN A 136 1.78 -11.56 -6.33
CA GLN A 136 1.25 -10.38 -5.68
C GLN A 136 0.13 -10.86 -4.77
N TYR A 137 0.27 -10.56 -3.48
CA TYR A 137 -0.66 -10.99 -2.45
C TYR A 137 -1.51 -9.83 -1.98
N TRP A 138 -2.75 -10.14 -1.67
CA TRP A 138 -3.73 -9.18 -1.20
C TRP A 138 -4.42 -9.67 0.07
N SER A 139 -4.74 -8.73 0.95
N SER A 139 -4.59 -8.77 1.03
CA SER A 139 -5.63 -8.98 2.07
CA SER A 139 -5.61 -8.90 2.06
C SER A 139 -6.51 -7.74 2.15
C SER A 139 -6.50 -7.69 1.90
N VAL A 140 -7.81 -7.89 1.85
CA VAL A 140 -8.72 -6.77 1.65
C VAL A 140 -9.70 -6.71 2.80
N ARG A 141 -9.64 -5.62 3.54
CA ARG A 141 -10.47 -5.42 4.71
C ARG A 141 -11.92 -5.26 4.30
N ARG A 142 -12.81 -6.00 4.97
CA ARG A 142 -14.22 -5.85 4.67
C ARG A 142 -14.81 -4.57 5.24
N ASN A 143 -14.37 -4.18 6.44
CA ASN A 143 -14.92 -3.00 7.11
C ASN A 143 -13.94 -1.85 6.88
N HIS A 144 -14.18 -1.09 5.82
CA HIS A 144 -13.20 -0.11 5.36
C HIS A 144 -12.96 0.96 6.41
N ARG A 145 -11.74 1.47 6.43
CA ARG A 145 -11.39 2.51 7.39
C ARG A 145 -10.20 3.28 6.86
N SER A 146 -10.02 4.48 7.43
CA SER A 146 -8.92 5.37 7.06
C SER A 146 -7.98 5.68 8.21
N SER A 147 -8.18 5.07 9.37
N SER A 147 -8.21 5.10 9.38
N SER A 147 -8.18 5.05 9.37
CA SER A 147 -7.21 5.09 10.44
CA SER A 147 -7.28 5.12 10.50
CA SER A 147 -7.28 5.13 10.51
C SER A 147 -7.32 3.76 11.15
C SER A 147 -7.31 3.73 11.12
C SER A 147 -7.35 3.79 11.22
N GLY A 148 -6.22 3.31 11.72
CA GLY A 148 -6.19 2.00 12.34
C GLY A 148 -4.78 1.53 12.62
N SER A 149 -4.72 0.32 13.15
N SER A 149 -4.72 0.33 13.18
N SER A 149 -4.73 0.30 13.12
CA SER A 149 -3.47 -0.37 13.35
CA SER A 149 -3.47 -0.37 13.45
CA SER A 149 -3.45 -0.38 13.37
C SER A 149 -3.58 -1.72 12.67
C SER A 149 -3.58 -1.75 12.82
C SER A 149 -3.49 -1.76 12.74
N VAL A 150 -2.49 -2.13 12.03
N VAL A 150 -2.55 -2.14 12.09
CA VAL A 150 -2.43 -3.35 11.26
CA VAL A 150 -2.56 -3.39 11.34
C VAL A 150 -1.34 -4.24 11.84
C VAL A 150 -1.40 -4.24 11.82
N ASN A 151 -1.72 -5.40 12.35
CA ASN A 151 -0.76 -6.40 12.78
C ASN A 151 -0.37 -7.21 11.55
N THR A 152 0.75 -6.83 10.92
CA THR A 152 1.11 -7.46 9.66
C THR A 152 1.31 -8.96 9.81
N ALA A 153 1.75 -9.43 10.96
CA ALA A 153 2.00 -10.85 11.12
C ALA A 153 0.75 -11.67 10.88
N ASN A 154 -0.44 -11.16 11.20
CA ASN A 154 -1.64 -11.97 10.98
C ASN A 154 -1.87 -12.22 9.50
N HIS A 155 -1.57 -11.22 8.67
CA HIS A 155 -1.71 -11.35 7.24
C HIS A 155 -0.63 -12.23 6.64
N PHE A 156 0.63 -12.00 7.03
CA PHE A 156 1.71 -12.84 6.54
C PHE A 156 1.45 -14.31 6.89
N ASN A 157 0.97 -14.59 8.10
N ASN A 157 0.96 -14.59 8.10
CA ASN A 157 0.71 -15.98 8.49
CA ASN A 157 0.71 -15.97 8.49
C ASN A 157 -0.44 -16.57 7.69
C ASN A 157 -0.44 -16.57 7.69
N ALA A 158 -1.49 -15.80 7.46
CA ALA A 158 -2.62 -16.31 6.66
C ALA A 158 -2.17 -16.64 5.26
N TRP A 159 -1.37 -15.79 4.65
CA TRP A 159 -0.86 -16.06 3.31
C TRP A 159 0.07 -17.27 3.32
N ALA A 160 0.91 -17.38 4.35
CA ALA A 160 1.84 -18.51 4.42
C ALA A 160 1.10 -19.84 4.47
N GLN A 161 -0.07 -19.88 5.10
CA GLN A 161 -0.80 -21.13 5.22
C GLN A 161 -1.29 -21.63 3.88
N GLN A 162 -1.32 -20.78 2.86
CA GLN A 162 -1.72 -21.15 1.51
C GLN A 162 -0.56 -21.11 0.53
N GLY A 163 0.67 -20.99 1.01
CA GLY A 163 1.85 -21.21 0.19
C GLY A 163 2.79 -20.03 0.05
N LEU A 164 2.56 -18.90 0.70
CA LEU A 164 3.53 -17.82 0.62
C LEU A 164 4.81 -18.18 1.38
N THR A 165 5.95 -18.01 0.72
CA THR A 165 7.25 -17.95 1.36
C THR A 165 7.75 -16.52 1.23
N LEU A 166 7.76 -15.80 2.34
CA LEU A 166 8.30 -14.45 2.33
C LEU A 166 9.81 -14.54 2.38
N GLY A 167 10.45 -13.82 1.48
CA GLY A 167 11.89 -13.73 1.48
C GLY A 167 12.36 -12.65 2.39
N THR A 168 13.45 -12.00 2.02
N THR A 168 13.41 -11.96 1.96
CA THR A 168 13.95 -10.90 2.82
CA THR A 168 14.00 -10.86 2.69
C THR A 168 13.09 -9.68 2.57
C THR A 168 13.13 -9.62 2.53
N MET A 169 12.73 -9.01 3.65
CA MET A 169 11.82 -7.89 3.55
C MET A 169 12.54 -6.69 2.94
N ASP A 170 11.86 -6.04 2.00
CA ASP A 170 12.26 -4.77 1.44
C ASP A 170 11.36 -3.69 2.06
N TYR A 171 10.93 -2.69 1.30
CA TYR A 171 10.22 -1.62 1.96
C TYR A 171 8.82 -2.07 2.37
N GLN A 172 8.23 -1.29 3.26
CA GLN A 172 6.96 -1.60 3.91
C GLN A 172 6.37 -0.26 4.31
N ILE A 173 5.32 0.19 3.64
CA ILE A 173 4.82 1.54 3.77
C ILE A 173 3.31 1.50 3.90
N VAL A 174 2.76 2.62 4.37
CA VAL A 174 1.34 2.89 4.19
C VAL A 174 1.24 3.76 2.96
N ALA A 175 0.55 3.25 1.96
CA ALA A 175 0.54 3.85 0.65
C ALA A 175 -0.87 4.22 0.21
N VAL A 176 -0.92 5.29 -0.58
CA VAL A 176 -2.08 5.64 -1.36
C VAL A 176 -1.79 5.34 -2.82
N GLU A 177 -2.70 4.58 -3.44
CA GLU A 177 -2.65 4.24 -4.85
C GLU A 177 -3.80 4.93 -5.55
N GLY A 178 -3.57 5.34 -6.79
CA GLY A 178 -4.65 5.76 -7.65
C GLY A 178 -4.47 5.19 -9.03
N TYR A 179 -5.60 5.08 -9.74
CA TYR A 179 -5.60 4.48 -11.07
C TYR A 179 -6.61 5.22 -11.94
N PHE A 180 -6.14 6.22 -12.66
CA PHE A 180 -6.97 7.02 -13.57
C PHE A 180 -8.16 7.63 -12.83
N SER A 181 -7.84 8.46 -11.84
CA SER A 181 -8.85 8.97 -10.92
C SER A 181 -8.41 10.32 -10.36
N SER A 182 -9.14 10.79 -9.37
CA SER A 182 -8.82 11.99 -8.63
C SER A 182 -8.98 11.70 -7.15
N GLY A 183 -8.41 12.55 -6.30
CA GLY A 183 -8.61 12.35 -4.87
C GLY A 183 -7.66 13.19 -4.06
N SER A 184 -7.80 13.06 -2.75
N SER A 184 -7.78 13.06 -2.73
N SER A 184 -7.82 13.06 -2.74
CA SER A 184 -6.77 13.55 -1.85
CA SER A 184 -6.85 13.67 -1.80
CA SER A 184 -6.92 13.64 -1.75
C SER A 184 -6.64 12.57 -0.70
C SER A 184 -6.72 12.79 -0.56
C SER A 184 -6.67 12.59 -0.68
N ALA A 185 -5.50 12.68 -0.03
CA ALA A 185 -5.23 11.90 1.17
C ALA A 185 -4.15 12.61 1.95
N SER A 186 -4.26 12.56 3.27
N SER A 186 -4.25 12.54 3.28
CA SER A 186 -3.23 13.07 4.17
CA SER A 186 -3.24 13.08 4.19
C SER A 186 -3.12 12.08 5.32
C SER A 186 -3.10 12.09 5.33
N ILE A 187 -2.02 11.32 5.33
CA ILE A 187 -1.87 10.17 6.22
C ILE A 187 -0.63 10.34 7.09
N THR A 188 -0.75 9.99 8.35
CA THR A 188 0.38 9.97 9.27
C THR A 188 0.62 8.55 9.72
N VAL A 189 1.85 8.08 9.55
N VAL A 189 1.84 8.06 9.53
CA VAL A 189 2.27 6.71 9.82
CA VAL A 189 2.19 6.72 9.89
C VAL A 189 3.10 6.68 11.09
C VAL A 189 2.95 6.76 11.21
N SER A 190 2.95 5.62 11.88
CA SER A 190 3.86 5.37 13.01
C SER A 190 3.96 3.89 13.29
O1 XYP B . 1.21 -2.50 -7.84
C1 XYP B . 1.63 -1.88 -9.06
C2 XYP B . 2.38 -0.76 -8.75
C3 XYP B . 3.69 -0.79 -9.56
C4 XYP B . 4.12 -0.89 -8.10
C5 XYP B . 4.15 -2.44 -8.66
O2 XYP B . 1.23 -0.08 -9.34
O3 XYP B . 4.00 0.29 -10.20
O4 XYP B . 5.11 -1.10 -8.33
O5 XYP B . 2.66 -2.62 -8.83
HO1 XYP B . 0.57 -3.03 -8.01
H1 XYP B . 1.20 -2.02 -9.91
H2 XYP B . 2.49 -0.62 -7.80
H3 XYP B . 3.81 -1.61 -10.05
H4 XYP B . 3.60 -1.01 -7.29
H51 XYP B . 4.61 -2.50 -9.50
H52 XYP B . 4.51 -3.05 -8.00
HO2 XYP B . 0.55 -0.21 -8.84
HO3 XYP B . 4.71 0.17 -10.65
HO4 XYP B . 5.32 -0.69 -9.04
C1 XYP B . 6.14 -0.26 -8.46
C2 XYP B . 6.73 0.03 -7.15
C3 XYP B . 8.02 0.85 -7.27
C4 XYP B . 8.97 0.29 -8.34
C5 XYP B . 8.24 -0.08 -9.61
O2 XYP B . 5.78 0.77 -6.36
O3 XYP B . 8.61 0.90 -5.97
O4 XYP B . 9.91 1.30 -8.56
O5 XYP B . 7.10 -0.95 -9.30
H1 XYP B . 5.87 0.57 -8.88
H2 XYP B . 6.93 -0.80 -6.70
H3 XYP B . 7.78 1.76 -7.53
H4 XYP B . 9.42 -0.49 -7.98
H51 XYP B . 8.85 -0.56 -10.20
H52 XYP B . 7.92 0.72 -10.04
HO2 XYP B . 5.45 0.26 -5.77
HO3 XYP B . 8.81 1.71 -5.79
HO4 XYP B . 9.59 2.05 -8.28
C1 XYP B . 11.05 0.95 -9.27
C2 XYP B . 11.62 2.20 -9.90
C3 XYP B . 13.03 1.84 -10.54
C4 XYP B . 13.84 1.23 -9.55
C5 XYP B . 13.17 -0.05 -9.08
O2 XYP B . 10.74 2.77 -10.86
O3 XYP B . 13.52 3.10 -10.98
O4 XYP B . 15.04 0.71 -10.25
O5 XYP B . 11.95 0.48 -8.32
H1 XYP B . 10.92 0.28 -9.95
H2 XYP B . 11.77 2.84 -9.19
H3 XYP B . 12.91 1.25 -11.29
H4 XYP B . 14.07 1.82 -8.82
H51 XYP B . 12.90 -0.58 -9.83
H52 XYP B . 13.75 -0.53 -8.48
HO2 XYP B . 10.47 3.53 -10.58
HO3 XYP B . 13.61 3.08 -11.82
HO4 XYP B . 15.73 0.89 -9.79
O1 XYP C . -15.63 -9.17 12.65
C1 XYP C . -14.89 -8.38 13.59
C2 XYP C . -15.58 -8.10 14.88
C3 XYP C . -14.42 -7.51 15.68
C4 XYP C . -13.23 -8.55 15.83
C5 XYP C . -12.96 -8.89 14.42
O2 XYP C . -16.41 -7.04 14.77
O3 XYP C . -14.81 -7.12 16.95
O4 XYP C . -11.97 -8.17 16.49
O5 XYP C . -13.98 -9.45 13.55
HO1 XYP C . -16.34 -8.76 12.44
H1 XYP C . -14.53 -7.58 13.19
H2 XYP C . -15.98 -8.89 15.29
H3 XYP C . -14.08 -6.73 15.20
H4 XYP C . -13.58 -9.34 16.28
H51 XYP C . -12.22 -9.53 14.43
H52 XYP C . -12.63 -8.08 13.99
HO2 XYP C . -17.13 -7.29 14.39
HO3 XYP C . -14.20 -6.65 17.30
HO4 XYP C . -12.13 -7.58 17.09
C1 GOL D . -0.98 7.73 13.19
O1 GOL D . 0.23 7.12 13.00
C2 GOL D . -1.25 7.69 14.70
O2 GOL D . -1.94 8.80 15.14
C3 GOL D . -2.04 6.40 14.91
O3 GOL D . -1.74 5.91 16.18
H11 GOL D . -1.71 7.30 12.71
H12 GOL D . -0.97 8.65 12.88
H2 GOL D . -0.42 7.67 15.20
H31 GOL D . -1.83 5.77 14.20
H32 GOL D . -2.99 6.59 14.82
C1 GOL E . 9.54 -14.81 12.03
O1 GOL E . 9.83 -15.21 10.72
C2 GOL E . 9.01 -13.35 11.99
O2 GOL E . 8.25 -13.05 13.04
C3 GOL E . 10.15 -12.43 12.13
O3 GOL E . 11.13 -12.69 11.19
H11 GOL E . 10.32 -14.86 12.61
H12 GOL E . 8.87 -15.39 12.44
HO1 GOL E . 10.35 -14.61 10.40
H2 GOL E . 8.48 -13.17 11.19
H31 GOL E . 10.49 -12.49 13.03
H32 GOL E . 9.84 -11.52 12.06
I IOD F . 10.54 -0.65 -13.22
I IOD G . -17.69 -9.42 7.64
I IOD H . 0.08 -9.44 -15.41
I IOD I . 2.16 16.97 3.67
#